data_8T5W
#
_entry.id   8T5W
#
_cell.length_a   75.111
_cell.length_b   75.111
_cell.length_c   121.444
_cell.angle_alpha   90.000
_cell.angle_beta   90.000
_cell.angle_gamma   120.000
#
_symmetry.space_group_name_H-M   'P 62 2 2'
#
loop_
_entity.id
_entity.type
_entity.pdbx_description
1 polymer 'Polymerase acidic protein'
2 non-polymer 'MANGANESE (II) ION'
3 non-polymer 'Baloxavir acid'
4 water water
#
_entity_poly.entity_id   1
_entity_poly.type   'polypeptide(L)'
_entity_poly.pdbx_seq_one_letter_code
;MGSGSAMEDFVRQCFNPMIVELAEKAMKEYGEDPKIETNKFAATCTHLEVCFMYSDFGSGDPNALLKHRFEIIEGRDRIM
AWTVVNSICNTTGVEKPKFLPDLYDYKENRFIEIGVTRREVHIYYLEKANKIKSEKTHIHIFSFTGEEMATKADYTLDEE
SRARIKTRLFTIRQEMASRSLWDSFRQSERGE
;
_entity_poly.pdbx_strand_id   A
#
# COMPACT_ATOMS: atom_id res chain seq x y z
N SER A 5 -21.27 4.47 10.50
CA SER A 5 -20.51 5.29 9.57
C SER A 5 -20.78 4.92 8.11
N ALA A 6 -21.01 5.94 7.28
CA ALA A 6 -21.08 5.68 5.86
C ALA A 6 -19.76 5.12 5.33
N MET A 7 -18.63 5.51 5.93
CA MET A 7 -17.33 5.05 5.42
C MET A 7 -17.12 3.57 5.74
N GLU A 8 -17.49 3.14 6.95
CA GLU A 8 -17.39 1.73 7.29
C GLU A 8 -18.26 0.88 6.37
N ASP A 9 -19.50 1.35 6.11
CA ASP A 9 -20.39 0.68 5.16
C ASP A 9 -19.76 0.59 3.79
N PHE A 10 -19.17 1.69 3.32
CA PHE A 10 -18.54 1.66 2.00
C PHE A 10 -17.44 0.63 1.95
N VAL A 11 -16.58 0.61 2.99
CA VAL A 11 -15.46 -0.33 3.03
C VAL A 11 -15.99 -1.75 2.94
N ARG A 12 -16.97 -2.07 3.78
CA ARG A 12 -17.45 -3.45 3.81
C ARG A 12 -18.25 -3.83 2.57
N GLN A 13 -18.75 -2.86 1.80
CA GLN A 13 -19.46 -3.22 0.56
C GLN A 13 -18.55 -3.26 -0.66
N CYS A 14 -17.51 -2.44 -0.70
CA CYS A 14 -16.70 -2.26 -1.91
C CYS A 14 -15.39 -3.03 -1.88
N PHE A 15 -14.97 -3.54 -0.72
CA PHE A 15 -13.74 -4.29 -0.65
C PHE A 15 -14.04 -5.77 -0.47
N ASN A 16 -13.20 -6.59 -1.10
CA ASN A 16 -13.26 -8.03 -0.90
C ASN A 16 -13.24 -8.38 0.58
N PRO A 17 -14.13 -9.29 1.03
CA PRO A 17 -14.11 -9.67 2.45
C PRO A 17 -12.73 -10.06 2.95
N MET A 18 -11.92 -10.74 2.14
CA MET A 18 -10.57 -11.11 2.59
C MET A 18 -9.72 -9.89 2.89
N ILE A 19 -9.81 -8.87 2.02
CA ILE A 19 -9.10 -7.62 2.23
C ILE A 19 -9.55 -6.99 3.54
N VAL A 20 -10.87 -6.92 3.74
CA VAL A 20 -11.40 -6.26 4.93
C VAL A 20 -10.93 -6.98 6.17
N GLU A 21 -10.99 -8.31 6.16
CA GLU A 21 -10.56 -9.08 7.31
C GLU A 21 -9.08 -8.83 7.61
N LEU A 22 -8.23 -8.85 6.59
CA LEU A 22 -6.81 -8.65 6.82
C LEU A 22 -6.49 -7.23 7.28
N ALA A 23 -7.24 -6.24 6.78
CA ALA A 23 -7.02 -4.86 7.21
C ALA A 23 -7.51 -4.66 8.64
N GLU A 24 -8.68 -5.20 8.98
CA GLU A 24 -9.13 -5.17 10.37
C GLU A 24 -8.10 -5.80 11.28
N LYS A 25 -7.57 -6.97 10.89
CA LYS A 25 -6.57 -7.62 11.72
C LYS A 25 -5.34 -6.74 11.89
N ALA A 26 -4.91 -6.10 10.79
CA ALA A 26 -3.72 -5.27 10.87
C ALA A 26 -3.94 -4.05 11.74
N MET A 27 -5.15 -3.48 11.71
CA MET A 27 -5.37 -2.33 12.55
C MET A 27 -5.44 -2.74 14.01
N LYS A 28 -6.05 -3.89 14.31
CA LYS A 28 -6.07 -4.36 15.69
C LYS A 28 -4.66 -4.63 16.21
N GLU A 29 -3.87 -5.37 15.42
CA GLU A 29 -2.48 -5.65 15.78
C GLU A 29 -1.72 -4.37 16.09
N TYR A 30 -2.04 -3.28 15.39
CA TYR A 30 -1.43 -1.96 15.59
C TYR A 30 -2.38 -1.04 16.36
N GLY A 31 -3.08 -1.57 17.34
CA GLY A 31 -3.90 -0.82 18.28
C GLY A 31 -4.71 0.34 17.76
N GLU A 32 -5.34 0.19 16.58
CA GLU A 32 -6.24 1.18 16.01
C GLU A 32 -7.61 0.57 15.79
N ASP A 33 -8.67 1.36 16.03
CA ASP A 33 -10.02 0.86 15.91
C ASP A 33 -10.58 1.18 14.52
N PRO A 34 -10.86 0.17 13.69
CA PRO A 34 -11.46 0.45 12.38
C PRO A 34 -12.76 1.22 12.48
N LYS A 35 -13.47 1.11 13.61
CA LYS A 35 -14.77 1.77 13.76
C LYS A 35 -14.64 3.26 14.08
N ILE A 36 -13.49 3.70 14.56
CA ILE A 36 -13.23 5.11 14.83
C ILE A 36 -12.38 5.74 13.73
N GLU A 37 -11.25 5.12 13.42
CA GLU A 37 -10.41 5.59 12.33
C GLU A 37 -10.90 4.97 11.02
N THR A 38 -12.08 5.43 10.59
CA THR A 38 -12.72 4.79 9.45
C THR A 38 -12.04 5.14 8.13
N ASN A 39 -11.51 6.35 7.99
CA ASN A 39 -10.77 6.66 6.76
C ASN A 39 -9.48 5.87 6.71
N LYS A 40 -8.79 5.74 7.84
CA LYS A 40 -7.60 4.90 7.89
C LYS A 40 -7.94 3.47 7.52
N PHE A 41 -9.11 2.98 7.95
CA PHE A 41 -9.58 1.65 7.57
C PHE A 41 -9.69 1.54 6.05
N ALA A 42 -10.31 2.53 5.43
CA ALA A 42 -10.40 2.52 3.97
C ALA A 42 -9.02 2.58 3.33
N ALA A 43 -8.12 3.39 3.91
CA ALA A 43 -6.77 3.51 3.36
C ALA A 43 -6.01 2.18 3.43
N THR A 44 -6.12 1.47 4.55
CA THR A 44 -5.36 0.23 4.68
C THR A 44 -5.92 -0.81 3.74
N CYS A 45 -7.25 -0.82 3.57
CA CYS A 45 -7.85 -1.76 2.61
C CYS A 45 -7.36 -1.45 1.21
N THR A 46 -7.32 -0.16 0.86
CA THR A 46 -6.94 0.25 -0.50
C THR A 46 -5.51 -0.19 -0.78
N HIS A 47 -4.62 0.12 0.17
CA HIS A 47 -3.20 -0.17 0.01
C HIS A 47 -2.99 -1.67 -0.04
N LEU A 48 -3.70 -2.44 0.79
CA LEU A 48 -3.57 -3.88 0.72
C LEU A 48 -3.98 -4.39 -0.65
N GLU A 49 -5.12 -3.92 -1.16
CA GLU A 49 -5.55 -4.38 -2.48
C GLU A 49 -4.50 -4.05 -3.54
N VAL A 50 -3.90 -2.85 -3.47
CA VAL A 50 -2.86 -2.49 -4.43
C VAL A 50 -1.67 -3.41 -4.31
N CYS A 51 -1.25 -3.71 -3.08
CA CYS A 51 -0.11 -4.61 -2.87
C CYS A 51 -0.40 -6.00 -3.44
N PHE A 52 -1.61 -6.51 -3.22
CA PHE A 52 -1.95 -7.82 -3.76
C PHE A 52 -1.95 -7.78 -5.29
N MET A 53 -2.53 -6.73 -5.88
CA MET A 53 -2.56 -6.63 -7.33
C MET A 53 -1.15 -6.58 -7.89
N TYR A 54 -0.31 -5.74 -7.28
CA TYR A 54 1.08 -5.59 -7.71
C TYR A 54 1.80 -6.92 -7.68
N SER A 55 1.65 -7.64 -6.57
CA SER A 55 2.33 -8.92 -6.38
C SER A 55 1.85 -9.93 -7.39
N ASP A 56 0.60 -9.80 -7.82
CA ASP A 56 -0.05 -10.77 -8.69
C ASP A 56 0.44 -10.69 -10.13
N PHE A 57 1.17 -9.63 -10.49
CA PHE A 57 1.73 -9.48 -11.82
C PHE A 57 3.15 -10.01 -11.92
N ARG A 69 7.18 -13.51 -9.75
CA ARG A 69 8.14 -12.43 -9.60
C ARG A 69 8.23 -11.86 -8.20
N PHE A 70 7.09 -11.74 -7.51
CA PHE A 70 7.05 -11.04 -6.23
C PHE A 70 6.67 -11.98 -5.10
N GLU A 71 7.27 -11.72 -3.95
CA GLU A 71 6.78 -12.21 -2.68
C GLU A 71 5.99 -11.10 -1.99
N ILE A 72 4.84 -11.44 -1.43
CA ILE A 72 4.02 -10.46 -0.72
C ILE A 72 4.46 -10.47 0.74
N ILE A 73 4.83 -9.30 1.26
CA ILE A 73 5.13 -9.14 2.68
C ILE A 73 3.94 -8.56 3.43
N GLU A 74 3.32 -7.55 2.85
CA GLU A 74 2.11 -6.95 3.41
C GLU A 74 0.99 -7.99 3.52
N GLY A 75 0.05 -7.75 4.45
CA GLY A 75 -1.07 -8.66 4.60
C GLY A 75 -0.79 -9.86 5.47
N ARG A 76 0.32 -9.87 6.18
CA ARG A 76 0.71 -10.94 7.09
C ARG A 76 0.81 -10.34 8.48
N ASP A 77 0.52 -11.14 9.50
CA ASP A 77 0.87 -10.70 10.85
C ASP A 77 2.35 -10.34 10.91
N ARG A 78 2.72 -9.55 11.91
CA ARG A 78 4.07 -8.99 11.92
C ARG A 78 5.13 -10.08 11.99
N ILE A 79 4.91 -11.11 12.82
CA ILE A 79 5.91 -12.17 12.96
C ILE A 79 6.11 -12.89 11.64
N MET A 80 5.02 -13.21 10.93
CA MET A 80 5.16 -13.88 9.64
C MET A 80 5.84 -12.99 8.62
N ALA A 81 5.51 -11.69 8.63
CA ALA A 81 6.12 -10.78 7.67
C ALA A 81 7.63 -10.74 7.83
N TRP A 82 8.08 -10.61 9.08
CA TRP A 82 9.53 -10.59 9.31
C TRP A 82 10.15 -11.96 9.05
N THR A 83 9.40 -13.04 9.27
CA THR A 83 9.91 -14.37 8.95
C THR A 83 10.21 -14.47 7.46
N VAL A 84 9.28 -13.98 6.63
CA VAL A 84 9.44 -14.03 5.18
C VAL A 84 10.62 -13.15 4.77
N VAL A 85 10.68 -11.93 5.32
CA VAL A 85 11.81 -11.05 5.05
C VAL A 85 13.14 -11.73 5.39
N ASN A 86 13.24 -12.34 6.59
CA ASN A 86 14.48 -12.99 6.98
C ASN A 86 14.83 -14.12 6.03
N SER A 87 13.83 -14.91 5.62
CA SER A 87 14.13 -16.03 4.74
C SER A 87 14.69 -15.53 3.42
N ILE A 88 14.08 -14.47 2.88
CA ILE A 88 14.61 -13.87 1.64
C ILE A 88 16.04 -13.39 1.83
N CYS A 89 16.31 -12.67 2.93
CA CYS A 89 17.66 -12.13 3.12
C CYS A 89 18.66 -13.24 3.26
N ASN A 90 18.26 -14.35 3.89
CA ASN A 90 19.16 -15.46 4.06
C ASN A 90 19.48 -16.16 2.73
N THR A 91 18.51 -16.21 1.82
CA THR A 91 18.74 -16.91 0.56
C THR A 91 19.19 -16.01 -0.59
N THR A 92 19.23 -14.70 -0.41
CA THR A 92 19.71 -13.80 -1.45
C THR A 92 20.87 -12.94 -1.00
N GLY A 93 21.10 -12.82 0.31
CA GLY A 93 22.08 -11.90 0.80
C GLY A 93 21.73 -10.44 0.64
N VAL A 94 20.56 -10.11 0.09
CA VAL A 94 20.08 -8.75 0.18
C VAL A 94 20.03 -8.37 1.67
N GLU A 95 20.33 -7.11 1.97
CA GLU A 95 20.42 -6.69 3.36
C GLU A 95 19.02 -6.56 3.95
N LYS A 96 18.89 -6.90 5.22
CA LYS A 96 17.60 -6.84 5.89
C LYS A 96 17.17 -5.38 6.04
N PRO A 97 15.97 -5.01 5.61
CA PRO A 97 15.54 -3.62 5.77
C PRO A 97 15.26 -3.30 7.24
N LYS A 98 15.46 -2.02 7.57
CA LYS A 98 15.16 -1.53 8.91
C LYS A 98 13.67 -1.56 9.22
N PHE A 99 12.85 -1.24 8.23
CA PHE A 99 11.39 -1.21 8.31
C PHE A 99 10.78 -2.28 7.42
N LEU A 100 9.64 -2.78 7.83
CA LEU A 100 8.95 -3.80 7.06
C LEU A 100 8.54 -3.28 5.68
N PRO A 101 9.00 -3.88 4.61
CA PRO A 101 8.53 -3.46 3.27
C PRO A 101 7.22 -4.12 2.87
N ASP A 102 6.76 -3.89 1.64
CA ASP A 102 5.51 -4.49 1.20
C ASP A 102 5.70 -5.71 0.31
N LEU A 103 6.71 -5.72 -0.55
CA LEU A 103 6.95 -6.84 -1.44
C LEU A 103 8.44 -7.08 -1.56
N TYR A 104 8.76 -8.24 -2.13
CA TYR A 104 10.12 -8.50 -2.59
C TYR A 104 10.07 -8.87 -4.07
N ASP A 105 10.97 -8.30 -4.83
CA ASP A 105 11.09 -8.50 -6.26
C ASP A 105 12.25 -9.45 -6.55
N TYR A 106 11.91 -10.66 -6.99
CA TYR A 106 12.89 -11.71 -7.30
C TYR A 106 13.60 -11.47 -8.63
N LYS A 107 12.99 -10.69 -9.52
CA LYS A 107 13.67 -10.34 -10.77
C LYS A 107 14.78 -9.32 -10.52
N GLU A 108 14.44 -8.22 -9.85
CA GLU A 108 15.40 -7.17 -9.55
C GLU A 108 16.10 -7.38 -8.22
N ASN A 109 15.69 -8.40 -7.46
CA ASN A 109 16.27 -8.73 -6.17
C ASN A 109 16.35 -7.49 -5.28
N ARG A 110 15.16 -6.96 -5.00
CA ARG A 110 15.08 -5.81 -4.10
C ARG A 110 13.72 -5.80 -3.44
N PHE A 111 13.67 -5.30 -2.21
CA PHE A 111 12.39 -5.09 -1.58
C PHE A 111 11.74 -3.84 -2.17
N ILE A 112 10.42 -3.80 -2.09
CA ILE A 112 9.62 -2.69 -2.59
C ILE A 112 8.72 -2.18 -1.49
N GLU A 113 8.68 -0.85 -1.32
CA GLU A 113 7.69 -0.16 -0.51
C GLU A 113 6.66 0.48 -1.45
N ILE A 114 5.40 0.13 -1.26
CA ILE A 114 4.28 0.66 -2.03
C ILE A 114 3.62 1.77 -1.21
N GLY A 115 3.45 2.93 -1.83
CA GLY A 115 2.67 4.02 -1.22
C GLY A 115 1.47 4.35 -2.07
N VAL A 116 0.34 4.59 -1.40
CA VAL A 116 -0.89 5.07 -2.03
C VAL A 116 -1.24 6.39 -1.37
N THR A 117 -1.41 7.43 -2.16
CA THR A 117 -1.60 8.74 -1.55
C THR A 117 -2.76 9.50 -2.18
N ARG A 118 -3.45 10.28 -1.34
CA ARG A 118 -4.44 11.27 -1.77
C ARG A 118 -3.81 12.64 -2.01
N ARG A 119 -2.50 12.77 -1.85
CA ARG A 119 -1.75 13.99 -2.07
C ARG A 119 -0.90 13.85 -3.32
N GLU A 120 -0.06 14.84 -3.59
CA GLU A 120 0.79 14.77 -4.77
C GLU A 120 1.83 13.67 -4.60
N VAL A 121 2.06 12.90 -5.66
CA VAL A 121 2.93 11.73 -5.51
C VAL A 121 4.32 12.14 -5.08
N HIS A 122 4.80 13.31 -5.51
CA HIS A 122 6.17 13.67 -5.15
C HIS A 122 6.31 13.93 -3.66
N ILE A 123 5.29 14.54 -3.03
CA ILE A 123 5.34 14.81 -1.59
C ILE A 123 5.42 13.51 -0.82
N TYR A 124 4.50 12.58 -1.10
CA TYR A 124 4.50 11.30 -0.39
C TYR A 124 5.77 10.51 -0.68
N TYR A 125 6.28 10.60 -1.91
CA TYR A 125 7.53 9.92 -2.25
C TYR A 125 8.65 10.41 -1.35
N LEU A 126 8.78 11.73 -1.22
CA LEU A 126 9.81 12.30 -0.35
C LEU A 126 9.62 11.87 1.09
N GLU A 127 8.37 11.83 1.57
CA GLU A 127 8.13 11.38 2.94
C GLU A 127 8.59 9.95 3.13
N LYS A 128 8.23 9.07 2.19
CA LYS A 128 8.62 7.66 2.27
C LYS A 128 10.12 7.51 2.23
N ALA A 129 10.76 8.14 1.25
CA ALA A 129 12.21 8.04 1.08
C ALA A 129 12.93 8.56 2.32
N ASN A 130 12.41 9.64 2.92
CA ASN A 130 12.99 10.13 4.15
C ASN A 130 12.85 9.12 5.28
N LYS A 131 11.70 8.45 5.36
CA LYS A 131 11.53 7.49 6.44
C LYS A 131 12.53 6.35 6.32
N ILE A 132 12.62 5.75 5.14
CA ILE A 132 13.38 4.51 5.06
C ILE A 132 14.88 4.79 5.06
N LYS A 133 15.32 5.83 4.34
CA LYS A 133 16.73 6.21 4.32
C LYS A 133 17.63 5.08 3.83
N SER A 134 17.02 3.94 3.46
CA SER A 134 17.76 2.80 2.90
C SER A 134 17.54 2.83 1.39
N GLU A 135 18.55 3.29 0.66
CA GLU A 135 18.45 3.35 -0.79
C GLU A 135 18.10 1.99 -1.39
N LYS A 136 18.37 0.90 -0.67
CA LYS A 136 18.19 -0.44 -1.22
C LYS A 136 16.72 -0.73 -1.52
N THR A 137 15.80 -0.32 -0.63
CA THR A 137 14.38 -0.60 -0.81
C THR A 137 13.81 0.32 -1.89
N HIS A 138 13.21 -0.28 -2.92
CA HIS A 138 12.59 0.48 -4.00
C HIS A 138 11.24 1.04 -3.57
N ILE A 139 10.96 2.29 -3.93
CA ILE A 139 9.72 2.97 -3.59
C ILE A 139 8.88 3.17 -4.84
N HIS A 140 7.60 2.80 -4.76
CA HIS A 140 6.64 3.06 -5.84
C HIS A 140 5.38 3.66 -5.23
N ILE A 141 5.05 4.87 -5.66
CA ILE A 141 3.91 5.65 -5.16
C ILE A 141 2.89 5.73 -6.26
N PHE A 142 1.63 5.53 -5.88
CA PHE A 142 0.47 5.72 -6.74
C PHE A 142 -0.44 6.76 -6.08
N SER A 143 -1.05 7.62 -6.90
CA SER A 143 -2.15 8.46 -6.46
C SER A 143 -3.48 7.85 -6.94
N PHE A 144 -4.57 8.49 -6.56
CA PHE A 144 -5.89 8.08 -6.99
C PHE A 144 -6.29 8.70 -8.34
N THR A 145 -5.39 9.43 -9.00
CA THR A 145 -5.73 10.05 -10.29
C THR A 145 -4.69 9.70 -11.35
N GLY A 146 -4.08 8.55 -11.23
CA GLY A 146 -3.24 8.02 -12.30
C GLY A 146 -1.81 8.47 -12.29
N GLU A 147 -1.38 9.18 -11.25
CA GLU A 147 0.01 9.59 -11.15
C GLU A 147 0.84 8.55 -10.41
N GLU A 148 2.13 8.50 -10.75
CA GLU A 148 3.01 7.59 -10.04
C GLU A 148 4.41 8.18 -9.97
N MET A 149 5.13 7.75 -8.96
CA MET A 149 6.53 8.12 -8.81
C MET A 149 7.26 6.92 -8.24
N ALA A 150 8.38 6.55 -8.84
CA ALA A 150 9.12 5.37 -8.42
C ALA A 150 10.60 5.71 -8.35
N THR A 151 11.30 5.06 -7.43
CA THR A 151 12.75 5.16 -7.35
C THR A 151 13.37 5.06 -8.74
N LYS A 152 14.25 6.02 -9.05
CA LYS A 152 14.98 6.04 -10.31
C LYS A 152 14.07 6.05 -11.53
N ALA A 153 12.79 6.39 -11.36
CA ALA A 153 11.80 6.34 -12.44
C ALA A 153 11.72 4.93 -13.04
N ASP A 154 11.98 3.93 -12.20
CA ASP A 154 11.89 2.52 -12.57
C ASP A 154 10.59 2.00 -11.97
N TYR A 155 9.57 1.85 -12.82
CA TYR A 155 8.23 1.49 -12.37
C TYR A 155 8.00 0.00 -12.22
N THR A 156 9.05 -0.82 -12.44
CA THR A 156 9.05 -2.26 -12.16
C THR A 156 8.10 -3.06 -13.06
N LEU A 157 6.82 -2.68 -13.05
CA LEU A 157 5.77 -3.35 -13.78
C LEU A 157 5.67 -2.78 -15.19
N ASP A 158 5.01 -3.53 -16.06
CA ASP A 158 4.75 -3.03 -17.41
C ASP A 158 3.54 -2.10 -17.38
N GLU A 159 3.25 -1.49 -18.52
CA GLU A 159 2.24 -0.43 -18.54
C GLU A 159 0.85 -0.97 -18.27
N GLU A 160 0.54 -2.18 -18.74
CA GLU A 160 -0.81 -2.72 -18.53
C GLU A 160 -1.08 -2.95 -17.04
N SER A 161 -0.12 -3.51 -16.32
CA SER A 161 -0.33 -3.81 -14.91
C SER A 161 -0.52 -2.52 -14.11
N ARG A 162 0.34 -1.54 -14.37
CA ARG A 162 0.21 -0.27 -13.67
C ARG A 162 -1.12 0.38 -14.01
N ALA A 163 -1.56 0.22 -15.27
CA ALA A 163 -2.87 0.75 -15.65
C ALA A 163 -4.00 0.12 -14.83
N ARG A 164 -3.96 -1.20 -14.64
CA ARG A 164 -5.02 -1.86 -13.88
C ARG A 164 -5.05 -1.32 -12.45
N ILE A 165 -3.88 -1.10 -11.87
CA ILE A 165 -3.80 -0.56 -10.51
C ILE A 165 -4.38 0.85 -10.45
N LYS A 166 -3.93 1.72 -11.36
CA LYS A 166 -4.44 3.08 -11.41
C LYS A 166 -5.97 3.11 -11.59
N THR A 167 -6.51 2.24 -12.44
CA THR A 167 -7.94 2.24 -12.70
C THR A 167 -8.71 1.82 -11.43
N ARG A 168 -8.19 0.86 -10.70
CA ARG A 168 -8.85 0.46 -9.46
C ARG A 168 -8.81 1.60 -8.45
N LEU A 169 -7.66 2.27 -8.33
CA LEU A 169 -7.57 3.36 -7.36
C LEU A 169 -8.54 4.49 -7.71
N PHE A 170 -8.59 4.87 -9.00
CA PHE A 170 -9.50 5.93 -9.41
C PHE A 170 -10.95 5.54 -9.16
N THR A 171 -11.26 4.27 -9.38
CA THR A 171 -12.61 3.78 -9.15
C THR A 171 -13.00 3.91 -7.69
N ILE A 172 -12.08 3.55 -6.78
CA ILE A 172 -12.32 3.72 -5.35
C ILE A 172 -12.58 5.20 -5.03
N ARG A 173 -11.76 6.09 -5.62
CA ARG A 173 -11.99 7.51 -5.37
C ARG A 173 -13.37 7.93 -5.83
N GLN A 174 -13.79 7.49 -7.03
CA GLN A 174 -15.10 7.92 -7.53
C GLN A 174 -16.24 7.28 -6.75
N GLU A 175 -16.05 6.08 -6.25
CA GLU A 175 -17.07 5.49 -5.37
C GLU A 175 -17.24 6.30 -4.11
N MET A 176 -16.12 6.73 -3.52
CA MET A 176 -16.16 7.62 -2.36
C MET A 176 -16.85 8.92 -2.69
N ALA A 177 -16.51 9.49 -3.85
CA ALA A 177 -17.13 10.74 -4.29
C ALA A 177 -18.64 10.57 -4.45
N SER A 178 -19.08 9.45 -5.03
CA SER A 178 -20.50 9.21 -5.19
C SER A 178 -21.19 9.22 -3.84
N ARG A 179 -20.46 8.80 -2.80
CA ARG A 179 -21.04 8.70 -1.46
C ARG A 179 -20.72 9.90 -0.58
N SER A 180 -20.10 10.95 -1.13
CA SER A 180 -19.73 12.16 -0.38
C SER A 180 -18.70 11.88 0.71
N LEU A 181 -17.80 10.93 0.44
CA LEU A 181 -16.76 10.48 1.36
C LEU A 181 -15.37 10.94 0.93
N TRP A 182 -15.20 11.39 -0.30
CA TRP A 182 -13.85 11.63 -0.78
C TRP A 182 -13.18 12.78 -0.03
N ASP A 183 -13.88 13.90 0.19
CA ASP A 183 -13.20 15.05 0.82
C ASP A 183 -12.68 14.70 2.20
N SER A 184 -13.46 13.97 3.00
CA SER A 184 -13.00 13.62 4.33
C SER A 184 -11.79 12.71 4.22
N PHE A 185 -11.86 11.72 3.33
CA PHE A 185 -10.77 10.78 3.12
C PHE A 185 -9.51 11.50 2.69
N ARG A 186 -9.64 12.46 1.77
CA ARG A 186 -8.48 13.19 1.29
C ARG A 186 -7.85 14.00 2.41
N GLN A 187 -8.66 14.60 3.27
CA GLN A 187 -8.08 15.46 4.28
C GLN A 187 -7.51 14.70 5.47
N SER A 188 -7.84 13.41 5.65
CA SER A 188 -7.31 12.74 6.83
C SER A 188 -5.93 12.10 6.61
N GLU A 189 -5.37 12.12 5.40
CA GLU A 189 -4.06 11.49 5.21
C GLU A 189 -2.94 12.22 5.95
N ARG A 190 -2.89 13.55 5.84
CA ARG A 190 -1.87 14.37 6.47
C ARG A 190 -2.48 15.12 7.65
N GLY A 191 -1.74 15.17 8.76
CA GLY A 191 -2.18 15.95 9.89
C GLY A 191 -1.90 17.43 9.74
N GLU A 192 -2.35 18.19 10.74
CA GLU A 192 -2.23 19.65 10.69
C GLU A 192 -0.94 20.17 11.34
#